data_6S60
#
_entry.id   6S60
#
_cell.length_a   123.780
_cell.length_b   61.676
_cell.length_c   79.999
_cell.angle_alpha   90.000
_cell.angle_beta   117.660
_cell.angle_gamma   90.000
#
_symmetry.space_group_name_H-M   'C 1 2 1'
#
loop_
_entity.id
_entity.type
_entity.pdbx_description
1 polymer 'Transcriptional enhancer factor TEF-4'
2 non-polymer 'MYRISTIC ACID'
3 non-polymer '4-[3-(3,4-dichlorophenyl)-4-[(phenylmethyl)carbamoyl]pyrazol-1-yl]butanoic acid'
4 water water
#
_entity_poly.entity_id   1
_entity_poly.type   'polypeptide(L)'
_entity_poly.pdbx_seq_one_letter_code
;MAWQARGLGTARLQLVEFSAFVEPPDAVDSYQRHLFVHISQHCPSPGAPPLESVDVRQIYDKFPEKKGGLRELYDRGPPH
AFFLVKFWADLNWGPSGEEAGAGGSISSGGFYGVSSQYESLEHMTLTCSSKVCSFGKQVVEKVETERAQLEDGRFVYRLL
RSPMCEYLVNFLHKLRQLPERYMMNSVLENFTILQVVTNRDTQELLLCTAYVFEVSTSERGAQHHIYRLVRDVEHHHHHH
;
_entity_poly.pdbx_strand_id   A,B
#
# COMPACT_ATOMS: atom_id res chain seq x y z
N GLY A 7 10.44 -13.39 -23.10
CA GLY A 7 10.53 -11.91 -23.01
C GLY A 7 10.66 -11.52 -21.57
N LEU A 8 9.54 -11.24 -20.90
CA LEU A 8 9.60 -10.85 -19.52
C LEU A 8 9.42 -12.11 -18.65
N GLY A 9 10.51 -12.61 -18.10
CA GLY A 9 10.49 -13.94 -17.50
C GLY A 9 11.87 -14.47 -17.23
N THR A 10 11.98 -15.33 -16.23
CA THR A 10 13.14 -16.18 -16.09
C THR A 10 12.72 -17.67 -16.34
N ALA A 11 13.65 -18.58 -16.11
CA ALA A 11 13.31 -20.00 -16.18
C ALA A 11 12.40 -20.42 -15.03
N ARG A 12 12.51 -19.73 -13.89
CA ARG A 12 11.65 -19.96 -12.76
C ARG A 12 10.24 -19.36 -12.83
N LEU A 13 10.08 -18.17 -13.47
CA LEU A 13 8.79 -17.47 -13.46
C LEU A 13 8.67 -16.61 -14.68
N GLN A 14 7.63 -16.83 -15.46
CA GLN A 14 7.36 -16.09 -16.68
C GLN A 14 6.07 -15.27 -16.49
N LEU A 15 6.10 -14.00 -16.88
CA LEU A 15 4.87 -13.23 -16.99
C LEU A 15 4.17 -13.69 -18.24
N VAL A 16 2.92 -14.01 -18.10
CA VAL A 16 2.10 -14.47 -19.19
C VAL A 16 1.27 -13.29 -19.73
N GLU A 17 0.61 -12.54 -18.84
CA GLU A 17 -0.26 -11.45 -19.23
C GLU A 17 -0.32 -10.37 -18.15
N PHE A 18 -0.36 -9.12 -18.58
CA PHE A 18 -0.51 -8.00 -17.70
C PHE A 18 -1.41 -6.96 -18.35
N SER A 19 -2.42 -6.48 -17.63
CA SER A 19 -3.28 -5.40 -18.14
C SER A 19 -3.77 -4.50 -17.01
N ALA A 20 -3.93 -3.22 -17.32
CA ALA A 20 -4.61 -2.32 -16.41
C ALA A 20 -5.75 -1.72 -17.25
N PHE A 21 -6.91 -1.58 -16.66
CA PHE A 21 -8.10 -1.37 -17.44
C PHE A 21 -9.20 -0.74 -16.60
N VAL A 22 -10.21 -0.25 -17.29
CA VAL A 22 -11.45 0.22 -16.64
C VAL A 22 -12.71 -0.34 -17.35
N GLU A 23 -13.67 -0.78 -16.55
CA GLU A 23 -15.00 -1.24 -17.03
C GLU A 23 -16.14 -0.33 -16.53
N PRO A 24 -17.22 -0.13 -17.33
CA PRO A 24 -18.41 0.53 -16.75
C PRO A 24 -19.31 -0.49 -16.04
N ARG A 33 -14.86 -2.82 -21.92
CA ARG A 33 -13.63 -2.76 -21.16
C ARG A 33 -12.51 -2.01 -21.91
N HIS A 34 -11.93 -0.97 -21.27
CA HIS A 34 -10.81 -0.26 -21.90
C HIS A 34 -9.50 -0.64 -21.23
N LEU A 35 -8.50 -1.00 -22.04
CA LEU A 35 -7.12 -1.32 -21.58
C LEU A 35 -6.18 -0.10 -21.68
N PHE A 36 -5.58 0.34 -20.55
CA PHE A 36 -4.66 1.46 -20.57
C PHE A 36 -3.35 0.96 -21.08
N VAL A 37 -2.97 -0.19 -20.54
CA VAL A 37 -1.81 -0.91 -21.02
C VAL A 37 -2.09 -2.40 -21.01
N HIS A 38 -1.36 -3.13 -21.83
CA HIS A 38 -1.58 -4.58 -22.03
C HIS A 38 -0.31 -5.31 -22.51
N ILE A 39 0.16 -6.33 -21.77
CA ILE A 39 1.26 -7.18 -22.23
C ILE A 39 0.67 -8.56 -22.34
N SER A 40 0.72 -9.12 -23.53
CA SER A 40 0.26 -10.47 -23.71
C SER A 40 1.41 -11.33 -24.21
N GLN A 41 1.66 -12.44 -23.53
CA GLN A 41 2.68 -13.39 -23.98
C GLN A 41 2.10 -14.79 -24.01
N PRO A 44 5.51 -15.90 -27.84
CA PRO A 44 6.14 -16.76 -28.84
C PRO A 44 6.30 -16.02 -30.18
N SER A 45 7.52 -15.85 -30.71
CA SER A 45 7.68 -15.20 -32.05
C SER A 45 8.97 -15.54 -32.86
N PRO A 46 8.81 -16.07 -34.11
CA PRO A 46 9.97 -16.49 -34.92
C PRO A 46 10.80 -15.29 -35.34
N GLY A 47 12.11 -15.50 -35.44
CA GLY A 47 13.04 -14.43 -35.76
C GLY A 47 13.39 -13.45 -34.65
N ALA A 48 12.48 -13.28 -33.67
CA ALA A 48 12.48 -12.16 -32.69
C ALA A 48 13.84 -11.99 -32.02
N PRO A 49 14.47 -10.79 -32.08
CA PRO A 49 15.80 -10.61 -31.44
C PRO A 49 15.82 -10.91 -29.93
N PRO A 50 17.04 -11.02 -29.32
CA PRO A 50 17.01 -10.90 -27.87
C PRO A 50 16.65 -9.45 -27.54
N LEU A 51 16.04 -9.30 -26.38
CA LEU A 51 15.75 -8.01 -25.76
C LEU A 51 16.95 -7.09 -25.72
N GLU A 52 16.75 -5.81 -26.01
CA GLU A 52 17.80 -4.83 -25.85
C GLU A 52 18.02 -4.63 -24.35
N SER A 53 19.06 -3.90 -24.00
CA SER A 53 19.51 -3.80 -22.66
C SER A 53 19.63 -2.33 -22.31
N VAL A 54 19.31 -2.01 -21.06
CA VAL A 54 19.40 -0.67 -20.58
C VAL A 54 20.23 -0.72 -19.33
N ASP A 55 21.12 0.26 -19.20
CA ASP A 55 21.96 0.32 -18.04
C ASP A 55 21.13 0.81 -16.86
N VAL A 56 21.02 -0.04 -15.87
CA VAL A 56 20.21 0.19 -14.67
C VAL A 56 20.57 1.47 -13.97
N ARG A 57 21.81 1.89 -14.14
CA ARG A 57 22.29 3.14 -13.54
C ARG A 57 21.60 4.37 -14.09
N GLN A 58 21.17 4.32 -15.35
CA GLN A 58 20.42 5.43 -15.93
C GLN A 58 19.09 5.68 -15.23
N ILE A 59 18.57 4.73 -14.46
CA ILE A 59 17.24 4.89 -13.86
C ILE A 59 17.22 4.72 -12.34
N TYR A 60 18.36 4.72 -11.68
CA TYR A 60 18.36 4.67 -10.19
C TYR A 60 17.52 5.81 -9.58
N ASP A 61 17.58 6.98 -10.20
CA ASP A 61 16.86 8.20 -9.83
C ASP A 61 15.34 8.21 -10.06
N LYS A 62 14.82 7.27 -10.83
CA LYS A 62 13.38 7.12 -11.01
C LYS A 62 12.69 6.40 -9.80
N PHE A 63 13.48 5.81 -8.91
CA PHE A 63 12.95 5.06 -7.77
C PHE A 63 13.78 5.54 -6.58
N PRO A 64 13.35 5.23 -5.34
CA PRO A 64 14.03 5.82 -4.21
C PRO A 64 15.25 5.02 -3.95
N GLU A 65 16.27 5.71 -3.41
CA GLU A 65 17.56 5.10 -3.10
C GLU A 65 17.51 4.43 -1.72
N LYS A 66 16.33 4.38 -1.12
CA LYS A 66 16.14 3.70 0.14
C LYS A 66 16.23 2.18 -0.01
N LYS A 67 16.11 1.49 1.12
CA LYS A 67 15.82 0.07 1.12
C LYS A 67 14.67 -0.18 0.14
N GLY A 68 14.76 -1.31 -0.56
CA GLY A 68 13.83 -1.64 -1.66
C GLY A 68 14.01 -0.69 -2.81
N GLY A 69 15.19 -0.07 -2.90
CA GLY A 69 15.56 0.78 -4.01
C GLY A 69 16.19 -0.11 -5.05
N LEU A 70 16.22 0.40 -6.27
CA LEU A 70 16.65 -0.39 -7.40
C LEU A 70 18.11 -0.87 -7.22
N ARG A 71 18.97 0.05 -6.76
CA ARG A 71 20.41 -0.26 -6.66
C ARG A 71 20.62 -1.44 -5.71
N GLU A 72 20.04 -1.30 -4.53
CA GLU A 72 20.16 -2.28 -3.49
C GLU A 72 19.58 -3.60 -3.98
N LEU A 73 18.44 -3.54 -4.64
CA LEU A 73 17.85 -4.76 -5.17
C LEU A 73 18.80 -5.47 -6.15
N TYR A 74 19.36 -4.69 -7.06
CA TYR A 74 20.16 -5.21 -8.14
C TYR A 74 21.47 -5.74 -7.59
N ASP A 75 22.03 -5.04 -6.61
CA ASP A 75 23.16 -5.52 -5.80
C ASP A 75 22.98 -6.95 -5.27
N ARG A 76 21.81 -7.31 -4.77
CA ARG A 76 21.59 -8.70 -4.32
C ARG A 76 21.39 -9.68 -5.46
N GLY A 77 20.72 -9.25 -6.52
CA GLY A 77 20.57 -10.10 -7.70
C GLY A 77 19.43 -11.08 -7.60
N PRO A 78 19.38 -12.04 -8.50
CA PRO A 78 20.31 -12.18 -9.59
C PRO A 78 20.00 -11.19 -10.68
N PRO A 79 20.99 -10.78 -11.46
CA PRO A 79 20.76 -9.76 -12.49
C PRO A 79 19.84 -10.15 -13.63
N HIS A 80 19.72 -11.44 -13.95
CA HIS A 80 18.88 -11.84 -15.08
C HIS A 80 17.41 -11.68 -14.71
N ALA A 81 17.08 -11.39 -13.43
CA ALA A 81 15.70 -11.21 -13.05
C ALA A 81 15.18 -9.77 -13.24
N PHE A 82 15.99 -8.85 -13.78
CA PHE A 82 15.64 -7.44 -13.82
C PHE A 82 15.27 -6.93 -15.23
N PHE A 83 14.04 -6.38 -15.39
CA PHE A 83 13.51 -5.85 -16.65
C PHE A 83 12.97 -4.43 -16.51
N LEU A 84 13.08 -3.67 -17.61
CA LEU A 84 12.44 -2.34 -17.76
C LEU A 84 11.37 -2.48 -18.82
N VAL A 85 10.18 -1.96 -18.54
CA VAL A 85 9.07 -1.88 -19.49
C VAL A 85 8.75 -0.41 -19.73
N LYS A 86 8.79 0.01 -21.01
CA LYS A 86 8.26 1.32 -21.39
C LYS A 86 6.87 1.13 -21.99
N PHE A 87 5.90 1.83 -21.41
CA PHE A 87 4.51 1.75 -21.84
C PHE A 87 4.12 3.05 -22.53
N TRP A 88 3.38 2.94 -23.65
CA TRP A 88 2.72 4.07 -24.35
C TRP A 88 1.27 3.80 -24.10
N ALA A 89 0.72 4.47 -23.08
CA ALA A 89 -0.60 4.12 -22.58
C ALA A 89 -1.74 4.77 -23.40
N ASP A 90 -2.87 4.09 -23.44
CA ASP A 90 -4.07 4.60 -24.04
C ASP A 90 -5.04 5.12 -22.97
N LEU A 91 -5.12 6.45 -22.86
CA LEU A 91 -5.99 7.15 -21.91
C LEU A 91 -7.22 7.79 -22.56
N ASN A 92 -7.71 7.20 -23.64
CA ASN A 92 -8.81 7.75 -24.40
C ASN A 92 -9.98 6.81 -24.28
N TRP A 93 -10.77 7.00 -23.22
CA TRP A 93 -11.99 6.24 -22.98
C TRP A 93 -13.13 7.12 -22.50
N GLY A 94 -14.36 6.64 -22.65
CA GLY A 94 -15.57 7.39 -22.31
C GLY A 94 -16.49 7.55 -23.52
N PRO A 95 -17.65 8.21 -23.33
CA PRO A 95 -18.60 8.39 -24.42
C PRO A 95 -18.28 9.60 -25.30
N SER A 107 -16.95 10.04 -18.66
CA SER A 107 -17.26 8.95 -17.72
C SER A 107 -16.73 9.21 -16.32
N SER A 108 -17.38 8.60 -15.34
CA SER A 108 -17.00 8.75 -13.94
C SER A 108 -17.65 7.61 -13.19
N GLY A 109 -16.88 7.02 -12.27
CA GLY A 109 -17.13 5.67 -11.79
C GLY A 109 -16.45 4.76 -12.78
N GLY A 110 -16.91 3.52 -12.88
CA GLY A 110 -16.22 2.50 -13.65
C GLY A 110 -15.45 1.65 -12.67
N PHE A 111 -15.22 0.39 -12.97
CA PHE A 111 -14.30 -0.43 -12.14
C PHE A 111 -12.88 -0.31 -12.77
N TYR A 112 -11.90 0.04 -11.92
CA TYR A 112 -10.52 0.19 -12.30
C TYR A 112 -9.72 -0.97 -11.75
N GLY A 113 -9.13 -1.72 -12.67
CA GLY A 113 -8.49 -2.95 -12.29
C GLY A 113 -7.18 -3.17 -12.94
N VAL A 114 -6.42 -4.05 -12.30
CA VAL A 114 -5.15 -4.57 -12.75
C VAL A 114 -5.25 -6.11 -12.71
N SER A 115 -4.90 -6.77 -13.82
CA SER A 115 -4.84 -8.25 -13.91
C SER A 115 -3.45 -8.66 -14.31
N SER A 116 -2.87 -9.60 -13.55
CA SER A 116 -1.60 -10.23 -13.96
C SER A 116 -1.62 -11.76 -13.88
N GLN A 117 -0.91 -12.38 -14.80
CA GLN A 117 -0.76 -13.82 -14.86
C GLN A 117 0.72 -14.16 -15.03
N TYR A 118 1.21 -15.01 -14.13
CA TYR A 118 2.51 -15.54 -14.20
C TYR A 118 2.38 -17.04 -14.34
N GLU A 119 3.48 -17.68 -14.70
CA GLU A 119 3.49 -19.12 -14.74
C GLU A 119 4.88 -19.68 -14.43
N SER A 120 4.88 -20.91 -13.92
CA SER A 120 6.11 -21.67 -13.62
C SER A 120 5.93 -23.18 -13.62
N LEU A 121 7.06 -23.87 -13.69
CA LEU A 121 7.10 -25.33 -13.65
C LEU A 121 7.17 -25.85 -12.23
N GLU A 122 7.55 -24.96 -11.30
CA GLU A 122 7.72 -25.26 -9.91
C GLU A 122 6.53 -24.73 -9.12
N HIS A 123 6.17 -25.46 -8.06
CA HIS A 123 5.08 -25.05 -7.19
C HIS A 123 5.56 -24.02 -6.17
N MET A 124 5.03 -22.78 -6.21
CA MET A 124 5.47 -21.70 -5.32
C MET A 124 4.30 -20.93 -4.70
N THR A 125 4.59 -20.21 -3.63
CA THR A 125 3.76 -19.10 -3.24
C THR A 125 4.55 -17.77 -3.49
N LEU A 126 3.85 -16.83 -4.12
CA LEU A 126 4.43 -15.54 -4.53
C LEU A 126 4.00 -14.39 -3.64
N THR A 127 4.96 -13.52 -3.33
CA THR A 127 4.69 -12.15 -2.83
C THR A 127 4.97 -11.15 -3.93
N CYS A 128 3.99 -10.36 -4.33
CA CYS A 128 4.15 -9.34 -5.38
C CYS A 128 3.99 -8.00 -4.75
N SER A 129 5.07 -7.23 -4.73
CA SER A 129 5.07 -5.86 -4.25
C SER A 129 5.09 -4.89 -5.45
N SER A 130 4.12 -4.00 -5.54
CA SER A 130 4.16 -2.90 -6.42
C SER A 130 4.36 -1.62 -5.64
N LYS A 131 5.30 -0.79 -6.10
CA LYS A 131 5.61 0.49 -5.53
C LYS A 131 5.33 1.57 -6.53
N VAL A 132 4.34 2.40 -6.30
CA VAL A 132 4.11 3.55 -7.15
C VAL A 132 4.99 4.72 -6.67
N CYS A 133 5.67 5.38 -7.62
CA CYS A 133 6.66 6.39 -7.31
C CYS A 133 6.43 7.65 -8.09
N SER A 134 6.57 8.78 -7.40
CA SER A 134 6.31 10.11 -7.93
C SER A 134 7.53 10.94 -7.59
N PHE A 135 8.20 11.46 -8.63
CA PHE A 135 9.48 12.12 -8.45
C PHE A 135 10.49 11.27 -7.65
N GLY A 136 10.60 9.97 -7.96
CA GLY A 136 11.54 9.08 -7.22
C GLY A 136 11.14 8.65 -5.81
N LYS A 137 10.00 9.14 -5.30
CA LYS A 137 9.55 8.82 -3.95
C LYS A 137 8.40 7.90 -4.02
N GLN A 138 8.42 6.90 -3.14
CA GLN A 138 7.34 5.96 -3.00
C GLN A 138 6.12 6.56 -2.39
N VAL A 139 5.04 6.64 -3.14
CA VAL A 139 3.79 7.09 -2.64
C VAL A 139 2.78 5.97 -2.39
N VAL A 140 2.99 4.78 -2.95
CA VAL A 140 2.11 3.64 -2.66
C VAL A 140 2.95 2.42 -2.66
N GLU A 141 2.75 1.54 -1.66
CA GLU A 141 3.19 0.15 -1.76
C GLU A 141 2.03 -0.73 -1.56
N LYS A 142 1.80 -1.65 -2.52
CA LYS A 142 0.71 -2.64 -2.51
C LYS A 142 1.38 -3.99 -2.51
N VAL A 143 0.99 -4.85 -1.55
CA VAL A 143 1.55 -6.21 -1.42
C VAL A 143 0.45 -7.25 -1.49
N GLU A 144 0.56 -8.16 -2.48
CA GLU A 144 -0.37 -9.26 -2.66
C GLU A 144 0.39 -10.55 -2.55
N THR A 145 -0.38 -11.59 -2.25
CA THR A 145 0.11 -12.95 -2.21
C THR A 145 -0.72 -13.76 -3.20
N GLU A 146 -0.09 -14.69 -3.91
CA GLU A 146 -0.81 -15.68 -4.76
C GLU A 146 -0.11 -17.04 -4.73
N ARG A 147 -0.90 -18.06 -4.46
CA ARG A 147 -0.43 -19.43 -4.43
C ARG A 147 -0.62 -20.08 -5.80
N ALA A 148 0.22 -21.04 -6.11
CA ALA A 148 0.14 -21.73 -7.37
C ALA A 148 -1.14 -22.55 -7.50
N GLN A 149 -1.64 -22.65 -8.73
CA GLN A 149 -2.79 -23.41 -9.15
C GLN A 149 -2.28 -24.28 -10.31
N LEU A 150 -2.56 -25.58 -10.24
CA LEU A 150 -2.17 -26.48 -11.33
C LEU A 150 -3.13 -26.34 -12.47
N GLU A 151 -2.59 -26.14 -13.64
CA GLU A 151 -3.39 -26.08 -14.83
C GLU A 151 -2.59 -26.49 -16.07
N ASP A 152 -3.15 -27.40 -16.86
CA ASP A 152 -2.53 -27.88 -18.10
C ASP A 152 -1.05 -28.24 -17.92
N GLY A 153 -0.73 -28.90 -16.82
CA GLY A 153 0.62 -29.37 -16.64
C GLY A 153 1.64 -28.32 -16.26
N ARG A 154 1.20 -27.10 -15.87
CA ARG A 154 2.09 -26.11 -15.23
C ARG A 154 1.38 -25.40 -14.07
N PHE A 155 2.11 -24.54 -13.36
CA PHE A 155 1.53 -23.73 -12.31
C PHE A 155 1.26 -22.31 -12.83
N VAL A 156 0.04 -21.85 -12.64
CA VAL A 156 -0.40 -20.49 -12.99
C VAL A 156 -0.69 -19.70 -11.73
N TYR A 157 -0.34 -18.43 -11.79
CA TYR A 157 -0.50 -17.49 -10.68
C TYR A 157 -1.33 -16.32 -11.32
N ARG A 158 -2.61 -16.23 -10.91
CA ARG A 158 -3.57 -15.35 -11.51
C ARG A 158 -3.95 -14.36 -10.44
N LEU A 159 -3.62 -13.12 -10.66
CA LEU A 159 -4.01 -12.04 -9.74
C LEU A 159 -4.93 -11.18 -10.57
N LEU A 160 -6.18 -11.61 -10.70
CA LEU A 160 -7.10 -10.97 -11.63
C LEU A 160 -7.97 -9.94 -10.92
N ARG A 161 -8.25 -8.85 -11.62
CA ARG A 161 -9.21 -7.81 -11.20
C ARG A 161 -8.89 -7.27 -9.85
N SER A 162 -7.60 -7.16 -9.55
CA SER A 162 -7.18 -6.50 -8.35
C SER A 162 -7.61 -5.01 -8.51
N PRO A 163 -8.35 -4.45 -7.53
CA PRO A 163 -8.78 -3.05 -7.66
C PRO A 163 -7.59 -2.11 -7.57
N MET A 164 -7.56 -1.20 -8.51
CA MET A 164 -6.51 -0.23 -8.60
C MET A 164 -6.70 0.68 -7.40
N CYS A 165 -5.63 0.96 -6.66
CA CYS A 165 -5.66 1.88 -5.53
C CYS A 165 -6.19 3.24 -5.93
N GLU A 166 -6.65 3.99 -4.94
CA GLU A 166 -7.40 5.20 -5.24
C GLU A 166 -6.45 6.30 -5.77
N TYR A 167 -5.18 6.25 -5.37
CA TYR A 167 -4.21 7.19 -5.81
C TYR A 167 -4.12 7.16 -7.35
N LEU A 168 -3.97 5.95 -7.92
CA LEU A 168 -3.97 5.78 -9.35
C LEU A 168 -5.23 6.15 -10.06
N VAL A 169 -6.34 5.84 -9.42
CA VAL A 169 -7.64 6.13 -10.00
C VAL A 169 -7.80 7.65 -10.13
N ASN A 170 -7.57 8.39 -9.06
CA ASN A 170 -7.64 9.87 -9.07
C ASN A 170 -6.64 10.46 -10.07
N PHE A 171 -5.44 9.88 -10.08
CA PHE A 171 -4.35 10.28 -10.95
C PHE A 171 -4.76 10.15 -12.38
N LEU A 172 -5.37 9.02 -12.73
CA LEU A 172 -5.85 8.74 -14.06
C LEU A 172 -6.97 9.67 -14.48
N HIS A 173 -7.83 9.96 -13.52
CA HIS A 173 -8.98 10.80 -13.78
C HIS A 173 -8.48 12.20 -14.14
N LYS A 174 -7.51 12.72 -13.39
CA LYS A 174 -6.91 13.99 -13.73
C LYS A 174 -6.08 14.01 -15.04
N LEU A 175 -5.28 12.97 -15.21
CA LEU A 175 -4.40 12.86 -16.34
C LEU A 175 -5.17 12.89 -17.64
N ARG A 176 -6.31 12.20 -17.69
CA ARG A 176 -7.12 12.24 -18.93
C ARG A 176 -7.81 13.58 -19.28
N GLN A 177 -7.90 14.51 -18.33
CA GLN A 177 -8.45 15.82 -18.59
C GLN A 177 -7.44 16.72 -19.30
N LEU A 178 -6.17 16.36 -19.38
CA LEU A 178 -5.17 17.25 -19.94
C LEU A 178 -5.42 17.44 -21.43
N PRO A 179 -5.37 18.67 -21.90
CA PRO A 179 -5.74 18.90 -23.27
C PRO A 179 -4.75 18.49 -24.33
N GLU A 180 -3.53 18.10 -24.02
CA GLU A 180 -2.57 17.75 -25.07
C GLU A 180 -1.75 16.57 -24.60
N ARG A 181 -1.30 15.75 -25.53
CA ARG A 181 -0.57 14.53 -25.17
C ARG A 181 0.79 14.85 -24.69
N TYR A 182 1.42 15.91 -25.22
CA TYR A 182 2.71 16.33 -24.72
C TYR A 182 2.65 16.74 -23.20
N MET A 183 1.54 17.30 -22.77
CA MET A 183 1.38 17.67 -21.37
C MET A 183 1.23 16.41 -20.47
N MET A 184 0.47 15.41 -20.96
CA MET A 184 0.42 14.04 -20.36
C MET A 184 1.83 13.45 -20.23
N ASN A 185 2.60 13.56 -21.29
CA ASN A 185 3.98 13.06 -21.24
C ASN A 185 4.83 13.78 -20.23
N SER A 186 4.69 15.12 -20.15
CA SER A 186 5.46 15.86 -19.18
C SER A 186 5.09 15.39 -17.75
N VAL A 187 3.81 15.20 -17.48
CA VAL A 187 3.39 14.75 -16.15
C VAL A 187 3.91 13.32 -15.93
N LEU A 188 3.86 12.46 -16.96
CA LEU A 188 4.24 11.07 -16.77
C LEU A 188 5.72 10.86 -16.62
N GLU A 189 6.52 11.83 -17.01
CA GLU A 189 7.97 11.61 -16.86
C GLU A 189 8.43 11.46 -15.39
N ASN A 190 7.62 11.91 -14.43
CA ASN A 190 7.90 11.74 -13.00
C ASN A 190 7.15 10.59 -12.32
N PHE A 191 6.52 9.72 -13.10
CA PHE A 191 5.67 8.66 -12.56
C PHE A 191 6.23 7.33 -13.00
N THR A 192 6.58 6.49 -12.01
CA THR A 192 7.12 5.16 -12.28
C THR A 192 6.55 4.15 -11.31
N ILE A 193 6.61 2.88 -11.72
CA ILE A 193 6.20 1.75 -10.91
C ILE A 193 7.30 0.75 -10.87
N LEU A 194 7.61 0.24 -9.68
CA LEU A 194 8.53 -0.87 -9.49
C LEU A 194 7.77 -2.05 -8.93
N GLN A 195 7.84 -3.21 -9.59
CA GLN A 195 7.26 -4.44 -9.05
C GLN A 195 8.35 -5.43 -8.72
N VAL A 196 8.30 -6.01 -7.51
CA VAL A 196 9.16 -7.06 -7.09
C VAL A 196 8.30 -8.30 -6.76
N VAL A 197 8.60 -9.41 -7.41
CA VAL A 197 7.93 -10.67 -7.20
C VAL A 197 8.97 -11.59 -6.56
N THR A 198 8.67 -12.09 -5.37
CA THR A 198 9.56 -12.98 -4.64
C THR A 198 8.85 -14.29 -4.26
N ASN A 199 9.69 -15.28 -4.01
CA ASN A 199 9.31 -16.61 -3.55
C ASN A 199 9.14 -16.45 -2.07
N ARG A 200 7.88 -16.36 -1.62
CA ARG A 200 7.50 -16.05 -0.23
C ARG A 200 8.19 -16.97 0.75
N ASP A 201 8.22 -18.27 0.46
CA ASP A 201 8.90 -19.20 1.38
C ASP A 201 10.41 -18.95 1.49
N THR A 202 11.12 -18.92 0.38
CA THR A 202 12.59 -18.76 0.39
C THR A 202 13.06 -17.29 0.38
N GLN A 203 12.16 -16.34 0.13
CA GLN A 203 12.51 -14.94 0.05
C GLN A 203 13.40 -14.55 -1.16
N GLU A 204 13.61 -15.48 -2.10
CA GLU A 204 14.39 -15.26 -3.34
C GLU A 204 13.64 -14.32 -4.29
N LEU A 205 14.38 -13.39 -4.90
CA LEU A 205 13.80 -12.50 -5.90
C LEU A 205 13.55 -13.31 -7.13
N LEU A 206 12.31 -13.33 -7.59
CA LEU A 206 12.02 -14.01 -8.84
C LEU A 206 11.98 -13.09 -10.04
N LEU A 207 11.43 -11.90 -9.86
CA LEU A 207 11.27 -10.93 -10.97
C LEU A 207 11.14 -9.54 -10.42
N CYS A 208 11.87 -8.62 -11.01
CA CYS A 208 11.77 -7.24 -10.68
C CYS A 208 11.67 -6.42 -11.97
N THR A 209 10.58 -5.65 -12.09
CA THR A 209 10.28 -4.86 -13.25
C THR A 209 10.08 -3.41 -12.90
N ALA A 210 10.89 -2.57 -13.50
CA ALA A 210 10.68 -1.13 -13.53
C ALA A 210 9.80 -0.73 -14.73
N TYR A 211 8.78 0.05 -14.46
CA TYR A 211 7.90 0.62 -15.51
C TYR A 211 7.97 2.11 -15.63
N VAL A 212 8.00 2.54 -16.90
CA VAL A 212 8.04 3.99 -17.27
C VAL A 212 6.96 4.23 -18.33
N PHE A 213 6.50 5.46 -18.42
CA PHE A 213 5.24 5.76 -19.10
C PHE A 213 5.28 6.98 -20.01
N GLU A 214 4.70 6.81 -21.17
CA GLU A 214 4.20 7.91 -22.00
C GLU A 214 2.81 7.57 -22.45
N VAL A 215 2.19 8.43 -23.27
CA VAL A 215 0.86 8.18 -23.82
C VAL A 215 0.98 7.88 -25.34
N SER A 216 0.07 7.06 -25.82
CA SER A 216 -0.10 6.81 -27.23
C SER A 216 -1.35 7.59 -27.66
N THR A 217 -1.60 7.61 -28.96
CA THR A 217 -2.93 7.98 -29.48
C THR A 217 -3.84 6.78 -29.48
N SER A 218 -5.14 7.01 -29.49
CA SER A 218 -6.14 5.91 -29.57
C SER A 218 -6.09 5.19 -30.94
N GLU A 219 -5.71 5.95 -31.96
CA GLU A 219 -5.50 5.44 -33.35
C GLU A 219 -4.40 4.36 -33.37
N ARG A 220 -3.25 4.67 -32.72
CA ARG A 220 -2.14 3.71 -32.59
C ARG A 220 -2.41 2.66 -31.57
N GLY A 221 -3.08 3.00 -30.48
CA GLY A 221 -3.32 2.06 -29.38
C GLY A 221 -2.09 1.85 -28.50
N ALA A 222 -2.33 1.21 -27.39
CA ALA A 222 -1.27 0.90 -26.42
C ALA A 222 -0.13 0.09 -27.00
N GLN A 223 1.05 0.38 -26.51
CA GLN A 223 2.22 -0.33 -26.87
C GLN A 223 3.15 -0.42 -25.68
N HIS A 224 4.11 -1.34 -25.80
CA HIS A 224 5.17 -1.51 -24.83
C HIS A 224 6.44 -1.96 -25.45
N HIS A 225 7.55 -1.69 -24.78
CA HIS A 225 8.83 -2.19 -25.16
C HIS A 225 9.51 -2.71 -23.89
N ILE A 226 9.88 -3.99 -23.91
CA ILE A 226 10.56 -4.64 -22.79
C ILE A 226 12.06 -4.64 -23.04
N TYR A 227 12.82 -4.25 -22.02
CA TYR A 227 14.26 -4.24 -22.01
C TYR A 227 14.79 -5.08 -20.84
N ARG A 228 16.04 -5.52 -20.96
CA ARG A 228 16.77 -6.14 -19.88
C ARG A 228 17.55 -5.05 -19.19
N LEU A 229 17.61 -5.14 -17.88
CA LEU A 229 18.39 -4.19 -17.18
C LEU A 229 19.72 -4.90 -16.86
N VAL A 230 20.82 -4.20 -17.09
CA VAL A 230 22.17 -4.73 -16.97
C VAL A 230 22.99 -3.67 -16.25
N ARG A 231 24.15 -4.10 -15.80
CA ARG A 231 25.10 -3.29 -15.08
C ARG A 231 26.44 -4.06 -15.09
N ALA B 2 -30.40 -0.37 19.62
CA ALA B 2 -29.32 0.02 18.65
C ALA B 2 -27.94 -0.15 19.33
N TRP B 3 -27.34 -1.35 19.15
CA TRP B 3 -26.07 -1.76 19.74
C TRP B 3 -24.90 -0.88 19.30
N GLN B 4 -24.38 -0.05 20.25
CA GLN B 4 -23.28 0.96 20.07
C GLN B 4 -21.97 0.44 20.63
N ALA B 5 -20.90 0.71 19.89
CA ALA B 5 -19.59 0.11 20.17
C ALA B 5 -19.00 0.55 21.53
N ARG B 6 -18.45 -0.45 22.23
CA ARG B 6 -17.69 -0.27 23.47
C ARG B 6 -16.18 -0.36 23.24
N GLY B 7 -15.75 -0.77 22.05
CA GLY B 7 -14.33 -0.71 21.68
C GLY B 7 -14.17 -0.51 20.18
N LEU B 8 -12.95 -0.54 19.73
CA LEU B 8 -12.70 -0.30 18.32
C LEU B 8 -12.94 -1.63 17.63
N GLY B 9 -14.14 -1.75 17.08
CA GLY B 9 -14.56 -2.98 16.42
C GLY B 9 -16.03 -3.00 16.07
N THR B 10 -16.40 -3.90 15.17
CA THR B 10 -17.79 -4.24 14.89
C THR B 10 -17.95 -5.70 15.28
N ALA B 11 -19.17 -6.22 15.19
CA ALA B 11 -19.41 -7.64 15.38
C ALA B 11 -18.70 -8.44 14.32
N ARG B 12 -18.39 -7.89 13.15
CA ARG B 12 -17.70 -8.70 12.16
C ARG B 12 -16.18 -8.67 12.26
N LEU B 13 -15.61 -7.60 12.85
CA LEU B 13 -14.13 -7.45 12.92
C LEU B 13 -13.74 -6.59 14.06
N GLN B 14 -12.92 -7.10 14.95
CA GLN B 14 -12.50 -6.33 16.13
C GLN B 14 -11.00 -6.11 16.06
N LEU B 15 -10.54 -4.93 16.47
CA LEU B 15 -9.10 -4.71 16.71
C LEU B 15 -8.69 -5.35 18.04
N VAL B 16 -7.66 -6.15 18.00
CA VAL B 16 -7.17 -6.74 19.25
C VAL B 16 -5.97 -5.92 19.69
N GLU B 17 -5.07 -5.64 18.75
CA GLU B 17 -3.87 -4.91 19.07
C GLU B 17 -3.30 -4.10 17.94
N PHE B 18 -2.79 -2.92 18.30
CA PHE B 18 -2.10 -2.06 17.38
C PHE B 18 -0.92 -1.38 18.10
N SER B 19 0.23 -1.33 17.44
CA SER B 19 1.34 -0.53 17.97
C SER B 19 2.31 -0.16 16.88
N ALA B 20 3.02 0.93 17.18
CA ALA B 20 4.09 1.41 16.37
C ALA B 20 5.29 1.59 17.32
N PHE B 21 6.47 1.13 16.89
CA PHE B 21 7.54 0.95 17.86
C PHE B 21 8.86 1.00 17.23
N VAL B 22 9.85 1.11 18.10
CA VAL B 22 11.25 1.00 17.69
C VAL B 22 12.04 0.15 18.71
N GLU B 23 12.82 -0.75 18.13
CA GLU B 23 13.76 -1.62 18.81
C GLU B 23 15.17 -1.03 18.56
N PRO B 24 15.90 -0.67 19.63
CA PRO B 24 17.24 -0.12 19.42
C PRO B 24 18.21 -1.19 18.90
N PRO B 25 19.36 -0.77 18.30
CA PRO B 25 20.42 -1.69 17.83
C PRO B 25 20.92 -2.74 18.85
N ASP B 26 20.97 -2.37 20.11
CA ASP B 26 21.36 -3.30 21.18
C ASP B 26 20.19 -4.12 21.78
N ALA B 27 19.12 -4.28 21.00
CA ALA B 27 17.94 -5.03 21.47
C ALA B 27 18.28 -6.52 21.42
N VAL B 28 19.11 -6.87 20.43
CA VAL B 28 19.77 -8.22 20.36
C VAL B 28 20.49 -8.72 21.64
N ASP B 29 21.07 -7.82 22.44
CA ASP B 29 21.80 -8.17 23.66
C ASP B 29 20.89 -8.10 24.87
N SER B 30 20.11 -7.03 24.96
CA SER B 30 19.13 -6.90 26.01
C SER B 30 17.78 -6.32 25.52
N TYR B 31 16.84 -7.20 25.20
CA TYR B 31 15.67 -6.80 24.45
C TYR B 31 14.89 -5.63 25.07
N GLN B 32 14.63 -4.65 24.23
CA GLN B 32 13.56 -3.71 24.55
C GLN B 32 12.96 -3.07 23.32
N ARG B 33 11.80 -2.46 23.53
CA ARG B 33 11.20 -1.66 22.49
C ARG B 33 10.57 -0.45 23.11
N HIS B 34 10.51 0.59 22.31
CA HIS B 34 9.80 1.81 22.70
C HIS B 34 8.54 1.89 21.83
N LEU B 35 7.41 2.10 22.51
CA LEU B 35 6.09 2.24 21.90
C LEU B 35 5.83 3.73 21.65
N PHE B 36 5.75 4.11 20.38
CA PHE B 36 5.29 5.44 20.04
C PHE B 36 3.79 5.59 20.38
N VAL B 37 3.02 4.63 19.97
CA VAL B 37 1.57 4.52 20.26
C VAL B 37 1.19 3.06 20.41
N HIS B 38 0.07 2.79 21.08
CA HIS B 38 -0.31 1.42 21.46
C HIS B 38 -1.74 1.33 21.86
N ILE B 39 -2.52 0.45 21.23
CA ILE B 39 -3.85 0.09 21.68
C ILE B 39 -3.88 -1.43 21.90
N SER B 40 -4.28 -1.85 23.09
CA SER B 40 -4.54 -3.26 23.36
C SER B 40 -6.00 -3.42 23.83
N GLN B 41 -6.78 -4.28 23.19
CA GLN B 41 -8.20 -4.39 23.56
C GLN B 41 -8.55 -5.78 24.08
N HIS B 42 -9.54 -5.83 24.97
CA HIS B 42 -9.99 -7.05 25.68
C HIS B 42 -11.54 -7.10 25.69
N CYS B 43 -12.14 -8.17 26.26
CA CYS B 43 -13.60 -8.48 26.14
C CYS B 43 -14.56 -7.38 26.61
N GLY B 47 -20.71 -4.74 32.57
CA GLY B 47 -20.89 -3.35 32.22
C GLY B 47 -19.68 -2.77 31.50
N ALA B 48 -19.94 -1.63 30.85
CA ALA B 48 -18.97 -0.82 30.07
C ALA B 48 -19.81 0.11 29.16
N PRO B 49 -19.73 1.45 29.35
CA PRO B 49 -20.59 2.37 28.58
C PRO B 49 -20.18 2.43 27.12
N PRO B 50 -21.04 2.97 26.26
CA PRO B 50 -20.57 3.19 24.88
C PRO B 50 -19.37 4.16 24.83
N LEU B 51 -18.58 4.05 23.78
CA LEU B 51 -17.57 5.08 23.49
C LEU B 51 -18.31 6.37 23.19
N GLU B 52 -17.62 7.49 23.43
CA GLU B 52 -18.12 8.81 23.07
C GLU B 52 -18.04 8.95 21.62
N SER B 53 -18.72 9.95 21.10
CA SER B 53 -18.84 10.12 19.68
C SER B 53 -18.29 11.46 19.29
N VAL B 54 -17.92 11.56 18.01
CA VAL B 54 -17.42 12.77 17.39
C VAL B 54 -18.08 12.83 16.04
N ASP B 55 -18.48 14.03 15.64
CA ASP B 55 -19.10 14.19 14.36
C ASP B 55 -18.12 14.14 13.25
N VAL B 56 -18.30 13.21 12.30
CA VAL B 56 -17.37 13.03 11.19
C VAL B 56 -17.12 14.27 10.33
N ARG B 57 -18.10 15.19 10.32
CA ARG B 57 -17.97 16.42 9.53
C ARG B 57 -16.87 17.29 10.10
N GLN B 58 -16.77 17.37 11.44
CA GLN B 58 -15.66 18.06 12.14
C GLN B 58 -14.24 17.64 11.72
N ILE B 59 -14.05 16.55 10.95
CA ILE B 59 -12.68 16.10 10.60
C ILE B 59 -12.43 15.82 9.15
N TYR B 60 -13.37 16.16 8.28
CA TYR B 60 -13.26 15.84 6.84
C TYR B 60 -12.07 16.48 6.15
N ASP B 61 -11.74 17.68 6.64
CA ASP B 61 -10.64 18.47 6.06
C ASP B 61 -9.24 17.95 6.41
N LYS B 62 -9.16 17.07 7.41
CA LYS B 62 -7.93 16.49 7.81
C LYS B 62 -7.57 15.28 6.97
N PHE B 63 -8.45 14.85 6.07
CA PHE B 63 -8.11 13.70 5.17
C PHE B 63 -8.47 14.05 3.73
N PRO B 64 -8.11 13.20 2.75
CA PRO B 64 -8.47 13.48 1.35
C PRO B 64 -9.99 13.63 1.12
N GLU B 65 -10.38 14.28 0.03
CA GLU B 65 -11.81 14.57 -0.21
C GLU B 65 -12.36 14.06 -1.56
N LYS B 66 -11.61 13.23 -2.27
CA LYS B 66 -12.03 12.81 -3.60
C LYS B 66 -12.44 11.36 -3.76
N LYS B 67 -11.97 10.47 -2.92
CA LYS B 67 -12.03 9.04 -3.28
C LYS B 67 -12.05 8.25 -1.96
N GLY B 68 -11.06 7.39 -1.66
CA GLY B 68 -10.81 6.92 -0.27
C GLY B 68 -10.56 8.10 0.67
N GLY B 69 -11.41 9.13 0.48
CA GLY B 69 -11.55 10.29 1.33
C GLY B 69 -12.71 9.95 2.23
N LEU B 70 -12.72 10.58 3.40
CA LEU B 70 -13.65 10.19 4.46
C LEU B 70 -15.12 10.29 4.08
N ARG B 71 -15.49 11.39 3.45
CA ARG B 71 -16.90 11.67 3.15
C ARG B 71 -17.46 10.60 2.21
N GLU B 72 -16.71 10.29 1.17
CA GLU B 72 -17.09 9.22 0.27
C GLU B 72 -17.11 7.85 0.96
N LEU B 73 -16.10 7.57 1.80
CA LEU B 73 -16.06 6.30 2.56
C LEU B 73 -17.25 6.22 3.49
N TYR B 74 -17.54 7.29 4.22
CA TYR B 74 -18.67 7.29 5.15
C TYR B 74 -19.97 7.10 4.39
N ASP B 75 -20.09 7.77 3.23
CA ASP B 75 -21.28 7.60 2.38
C ASP B 75 -21.53 6.15 1.99
N ARG B 76 -20.51 5.44 1.52
CA ARG B 76 -20.63 4.00 1.22
C ARG B 76 -20.95 3.11 2.43
N GLY B 77 -20.55 3.52 3.63
CA GLY B 77 -20.95 2.87 4.86
C GLY B 77 -20.27 1.55 5.03
N PRO B 78 -20.58 0.79 6.09
CA PRO B 78 -21.57 1.11 7.10
C PRO B 78 -21.07 2.09 8.14
N PRO B 79 -21.93 2.98 8.62
CA PRO B 79 -21.54 4.03 9.56
C PRO B 79 -20.96 3.57 10.89
N HIS B 80 -21.42 2.44 11.41
CA HIS B 80 -20.94 1.97 12.71
C HIS B 80 -19.51 1.40 12.61
N ALA B 81 -18.93 1.27 11.41
CA ALA B 81 -17.54 0.83 11.24
C ALA B 81 -16.47 1.91 11.38
N PHE B 82 -16.88 3.14 11.72
CA PHE B 82 -16.03 4.29 11.64
C PHE B 82 -15.64 4.80 13.02
N PHE B 83 -14.31 4.91 13.26
CA PHE B 83 -13.79 5.34 14.56
C PHE B 83 -12.76 6.42 14.35
N LEU B 84 -12.52 7.17 15.41
CA LEU B 84 -11.44 8.16 15.52
C LEU B 84 -10.64 7.83 16.71
N VAL B 85 -9.32 7.76 16.54
CA VAL B 85 -8.41 7.59 17.62
C VAL B 85 -7.53 8.81 17.78
N LYS B 86 -7.57 9.42 18.97
CA LYS B 86 -6.60 10.46 19.34
C LYS B 86 -5.49 9.77 20.04
N PHE B 87 -4.29 9.96 19.56
CA PHE B 87 -3.06 9.45 20.19
C PHE B 87 -2.25 10.61 20.77
N TRP B 88 -1.71 10.40 21.98
CA TRP B 88 -0.68 11.19 22.56
C TRP B 88 0.52 10.32 22.43
N ALA B 89 1.38 10.65 21.46
CA ALA B 89 2.49 9.81 21.07
C ALA B 89 3.68 10.05 21.94
N ASP B 90 4.44 9.02 22.23
CA ASP B 90 5.64 9.15 23.06
C ASP B 90 6.86 9.21 22.16
N LEU B 91 7.44 10.39 22.01
CA LEU B 91 8.58 10.60 21.14
C LEU B 91 9.86 10.90 21.93
N ASN B 92 9.99 10.32 23.12
CA ASN B 92 11.24 10.28 23.86
C ASN B 92 11.89 8.88 23.88
N TRP B 93 12.87 8.59 23.04
CA TRP B 93 13.49 7.23 23.02
C TRP B 93 15.02 7.14 22.91
N SER B 107 21.34 9.30 17.19
CA SER B 107 20.14 8.87 17.89
C SER B 107 19.30 7.87 17.04
N SER B 108 19.92 6.93 16.31
CA SER B 108 19.20 6.17 15.23
C SER B 108 19.70 4.73 14.92
N GLY B 109 19.40 4.23 13.71
CA GLY B 109 19.88 2.92 13.26
C GLY B 109 19.14 1.71 13.83
N GLY B 110 17.97 1.90 14.47
CA GLY B 110 17.18 0.78 15.03
C GLY B 110 16.08 0.27 14.11
N PHE B 111 15.30 -0.74 14.55
CA PHE B 111 14.17 -1.26 13.73
C PHE B 111 12.86 -0.58 14.12
N TYR B 112 12.25 0.09 13.15
CA TYR B 112 10.98 0.80 13.29
C TYR B 112 9.80 -0.04 12.71
N GLY B 113 8.89 -0.45 13.58
CA GLY B 113 7.87 -1.39 13.19
C GLY B 113 6.44 -0.94 13.51
N VAL B 114 5.48 -1.56 12.82
CA VAL B 114 4.02 -1.45 13.10
C VAL B 114 3.41 -2.86 13.19
N SER B 115 2.66 -3.16 14.25
CA SER B 115 2.01 -4.47 14.46
C SER B 115 0.50 -4.20 14.64
N SER B 116 -0.31 -4.94 13.88
CA SER B 116 -1.78 -4.98 13.99
C SER B 116 -2.31 -6.41 14.12
N GLN B 117 -3.35 -6.59 14.91
CA GLN B 117 -4.01 -7.88 15.08
C GLN B 117 -5.48 -7.63 15.24
N TYR B 118 -6.27 -8.41 14.53
CA TYR B 118 -7.71 -8.33 14.46
C TYR B 118 -8.28 -9.74 14.66
N GLU B 119 -9.57 -9.81 14.97
CA GLU B 119 -10.27 -11.04 15.20
C GLU B 119 -11.63 -10.95 14.54
N SER B 120 -12.14 -12.08 14.06
CA SER B 120 -13.50 -12.22 13.51
C SER B 120 -14.03 -13.63 13.78
N LEU B 121 -15.35 -13.78 13.61
CA LEU B 121 -15.97 -15.08 13.60
C LEU B 121 -16.10 -15.65 12.18
N GLU B 122 -16.05 -14.83 11.15
CA GLU B 122 -16.02 -15.39 9.83
C GLU B 122 -14.60 -15.44 9.32
N HIS B 123 -14.41 -16.35 8.37
CA HIS B 123 -13.19 -16.55 7.67
C HIS B 123 -13.23 -15.58 6.52
N MET B 124 -12.23 -14.71 6.44
CA MET B 124 -12.15 -13.74 5.37
C MET B 124 -10.68 -13.56 5.03
N THR B 125 -10.44 -12.84 3.98
CA THR B 125 -9.14 -12.34 3.67
C THR B 125 -9.32 -10.81 3.62
N LEU B 126 -8.44 -10.13 4.33
CA LEU B 126 -8.55 -8.72 4.57
C LEU B 126 -7.53 -8.07 3.73
N THR B 127 -7.88 -6.90 3.26
CA THR B 127 -6.98 -5.89 2.78
C THR B 127 -6.96 -4.70 3.74
N CYS B 128 -5.77 -4.37 4.22
CA CYS B 128 -5.60 -3.19 5.07
CA CYS B 128 -5.57 -3.24 5.09
C CYS B 128 -4.82 -2.16 4.32
N SER B 129 -5.47 -1.00 4.15
CA SER B 129 -4.84 0.19 3.64
C SER B 129 -4.57 1.24 4.70
N SER B 130 -3.32 1.71 4.80
CA SER B 130 -2.91 2.80 5.70
C SER B 130 -2.39 4.03 4.93
N LYS B 131 -3.11 5.16 4.99
CA LYS B 131 -2.76 6.37 4.27
CA LYS B 131 -2.75 6.38 4.28
C LYS B 131 -2.24 7.47 5.22
N VAL B 132 -0.96 7.81 5.11
CA VAL B 132 -0.38 8.95 5.85
C VAL B 132 -0.78 10.19 5.09
N CYS B 133 -1.30 11.19 5.81
CA CYS B 133 -1.84 12.42 5.23
C CYS B 133 -1.20 13.66 5.85
N SER B 134 -0.76 14.61 5.01
CA SER B 134 -0.20 15.88 5.48
C SER B 134 -1.03 17.02 4.92
N PHE B 135 -1.61 17.82 5.83
CA PHE B 135 -2.53 18.91 5.47
C PHE B 135 -3.71 18.33 4.68
N GLY B 136 -4.24 17.22 5.16
CA GLY B 136 -5.33 16.50 4.50
C GLY B 136 -5.04 15.80 3.19
N LYS B 137 -3.79 15.75 2.77
CA LYS B 137 -3.44 15.10 1.54
C LYS B 137 -2.58 13.89 1.75
N GLN B 138 -2.90 12.84 1.03
CA GLN B 138 -2.21 11.61 1.12
C GLN B 138 -0.85 11.87 0.67
N VAL B 139 0.14 11.33 1.37
CA VAL B 139 1.52 11.44 0.96
C VAL B 139 2.14 10.14 0.81
N VAL B 140 1.79 9.19 1.66
CA VAL B 140 2.18 7.81 1.45
C VAL B 140 1.05 6.85 1.81
N GLU B 141 1.18 5.62 1.30
CA GLU B 141 0.21 4.56 1.48
C GLU B 141 0.78 3.18 1.42
N LYS B 142 0.28 2.29 2.29
CA LYS B 142 0.68 0.90 2.28
C LYS B 142 -0.56 0.07 2.33
N VAL B 143 -0.68 -0.84 1.39
CA VAL B 143 -1.80 -1.78 1.29
C VAL B 143 -1.23 -3.16 1.42
N GLU B 144 -1.80 -3.97 2.32
CA GLU B 144 -1.39 -5.35 2.57
C GLU B 144 -2.63 -6.22 2.64
N THR B 145 -2.45 -7.54 2.44
CA THR B 145 -3.58 -8.50 2.66
C THR B 145 -3.15 -9.55 3.66
N GLU B 146 -4.11 -10.03 4.43
CA GLU B 146 -3.84 -11.05 5.40
C GLU B 146 -5.05 -12.01 5.45
N ARG B 147 -4.75 -13.29 5.47
CA ARG B 147 -5.74 -14.32 5.40
C ARG B 147 -5.94 -14.80 6.85
N ALA B 148 -7.15 -15.22 7.18
CA ALA B 148 -7.46 -15.70 8.51
C ALA B 148 -6.69 -16.99 8.96
N GLN B 149 -6.50 -17.13 10.25
CA GLN B 149 -5.93 -18.31 10.85
C GLN B 149 -6.97 -18.73 11.87
N LEU B 150 -7.44 -19.98 11.80
CA LEU B 150 -8.52 -20.44 12.67
C LEU B 150 -7.88 -20.88 13.94
N GLU B 151 -8.35 -20.33 15.06
CA GLU B 151 -7.83 -20.67 16.36
C GLU B 151 -8.92 -21.04 17.31
N ASP B 152 -8.97 -20.47 18.50
CA ASP B 152 -9.86 -21.06 19.51
C ASP B 152 -11.31 -20.66 19.20
N GLY B 153 -11.87 -21.35 18.20
CA GLY B 153 -13.19 -21.05 17.63
C GLY B 153 -13.39 -19.67 16.98
N ARG B 154 -12.30 -19.05 16.56
CA ARG B 154 -12.37 -17.75 15.92
CA ARG B 154 -12.33 -17.71 16.00
C ARG B 154 -11.17 -17.56 15.03
N PHE B 155 -11.33 -16.67 14.06
CA PHE B 155 -10.29 -16.33 13.11
C PHE B 155 -9.42 -15.13 13.60
N VAL B 156 -8.11 -15.30 13.45
CA VAL B 156 -7.16 -14.27 13.83
C VAL B 156 -6.43 -13.78 12.59
N TYR B 157 -6.18 -12.49 12.55
CA TYR B 157 -5.48 -11.88 11.41
C TYR B 157 -4.25 -11.12 11.96
N ARG B 158 -3.07 -11.62 11.64
CA ARG B 158 -1.86 -11.05 12.17
C ARG B 158 -1.01 -10.33 11.17
N LEU B 159 -0.77 -9.07 11.40
CA LEU B 159 0.09 -8.25 10.52
C LEU B 159 1.15 -7.70 11.40
N LEU B 160 2.10 -8.57 11.76
CA LEU B 160 3.06 -8.23 12.79
C LEU B 160 4.36 -7.78 12.19
N ARG B 161 5.00 -6.84 12.90
CA ARG B 161 6.33 -6.31 12.53
C ARG B 161 6.45 -5.85 11.10
N SER B 162 5.43 -5.23 10.51
CA SER B 162 5.58 -4.50 9.25
C SER B 162 6.67 -3.40 9.44
N PRO B 163 7.65 -3.29 8.53
CA PRO B 163 8.62 -2.21 8.63
C PRO B 163 7.92 -0.90 8.40
N MET B 164 8.15 0.08 9.29
CA MET B 164 7.59 1.39 9.09
C MET B 164 8.16 1.96 7.77
N CYS B 165 7.33 2.60 6.96
CA CYS B 165 7.81 3.38 5.85
C CYS B 165 8.87 4.39 6.27
N GLU B 166 9.85 4.54 5.39
CA GLU B 166 11.06 5.26 5.72
C GLU B 166 10.77 6.77 5.82
N TYR B 167 9.70 7.22 5.18
CA TYR B 167 9.31 8.57 5.23
C TYR B 167 8.65 8.91 6.56
N LEU B 168 7.99 7.94 7.15
CA LEU B 168 7.48 8.06 8.49
C LEU B 168 8.61 8.03 9.51
N VAL B 169 9.60 7.16 9.29
CA VAL B 169 10.73 7.09 10.17
C VAL B 169 11.43 8.46 10.14
N ASN B 170 11.61 9.00 8.93
CA ASN B 170 12.22 10.34 8.80
C ASN B 170 11.42 11.41 9.48
N PHE B 171 10.11 11.42 9.24
CA PHE B 171 9.26 12.36 9.94
C PHE B 171 9.47 12.31 11.48
N LEU B 172 9.52 11.08 12.01
CA LEU B 172 9.69 10.93 13.44
C LEU B 172 11.00 11.50 13.91
N HIS B 173 12.06 11.25 13.16
CA HIS B 173 13.36 11.76 13.55
C HIS B 173 13.39 13.29 13.56
N LYS B 174 12.74 13.89 12.60
CA LYS B 174 12.59 15.37 12.56
C LYS B 174 11.72 15.93 13.65
N LEU B 175 10.55 15.34 13.84
CA LEU B 175 9.67 15.81 14.88
C LEU B 175 10.32 15.82 16.25
N ARG B 176 11.10 14.78 16.49
CA ARG B 176 11.84 14.54 17.74
C ARG B 176 12.82 15.66 18.09
N GLN B 177 13.41 16.27 17.08
CA GLN B 177 14.47 17.30 17.23
CA GLN B 177 14.46 17.27 17.26
C GLN B 177 13.93 18.72 17.32
N LEU B 178 12.60 18.91 17.32
CA LEU B 178 12.02 20.25 17.34
C LEU B 178 12.26 20.85 18.71
N PRO B 179 12.42 22.17 18.77
CA PRO B 179 12.84 22.79 20.02
C PRO B 179 11.81 22.82 21.11
N GLU B 180 10.55 22.76 20.76
CA GLU B 180 9.50 22.97 21.72
C GLU B 180 8.44 21.98 21.41
N ARG B 181 7.81 21.50 22.48
CA ARG B 181 6.62 20.69 22.45
C ARG B 181 5.45 21.35 21.75
N TYR B 182 5.21 22.64 21.93
CA TYR B 182 4.05 23.26 21.28
C TYR B 182 4.26 23.26 19.71
N MET B 183 5.51 23.26 19.26
CA MET B 183 5.80 23.25 17.79
C MET B 183 5.59 21.85 17.24
N MET B 184 5.87 20.83 18.02
CA MET B 184 5.50 19.46 17.71
C MET B 184 4.02 19.29 17.57
N ASN B 185 3.25 19.80 18.53
CA ASN B 185 1.84 19.79 18.38
C ASN B 185 1.29 20.58 17.23
N SER B 186 1.87 21.77 16.97
CA SER B 186 1.46 22.48 15.76
C SER B 186 1.71 21.70 14.48
N VAL B 187 2.87 21.02 14.36
CA VAL B 187 3.16 20.19 13.23
C VAL B 187 2.15 19.05 13.17
N LEU B 188 1.88 18.40 14.31
CA LEU B 188 0.99 17.21 14.32
C LEU B 188 -0.45 17.55 14.03
N GLU B 189 -0.83 18.78 14.29
CA GLU B 189 -2.16 19.25 13.90
C GLU B 189 -2.48 18.98 12.42
N ASN B 190 -1.46 19.03 11.54
CA ASN B 190 -1.67 18.78 10.12
C ASN B 190 -1.20 17.37 9.67
N PHE B 191 -1.20 16.39 10.58
CA PHE B 191 -0.63 15.08 10.31
C PHE B 191 -1.61 14.08 10.82
N THR B 192 -2.11 13.27 9.90
CA THR B 192 -3.10 12.29 10.23
C THR B 192 -2.87 11.01 9.44
N ILE B 193 -3.53 9.95 9.88
CA ILE B 193 -3.51 8.60 9.31
C ILE B 193 -4.92 8.13 9.18
N LEU B 194 -5.24 7.57 8.00
CA LEU B 194 -6.46 6.85 7.80
C LEU B 194 -6.22 5.40 7.44
N GLN B 195 -6.85 4.49 8.18
CA GLN B 195 -6.73 3.05 7.94
C GLN B 195 -8.05 2.54 7.49
N VAL B 196 -8.11 1.81 6.37
CA VAL B 196 -9.38 1.17 5.95
C VAL B 196 -9.17 -0.32 5.70
N VAL B 197 -9.98 -1.12 6.41
CA VAL B 197 -9.90 -2.55 6.35
C VAL B 197 -11.10 -2.99 5.58
N THR B 198 -10.87 -3.76 4.52
CA THR B 198 -11.98 -4.30 3.73
C THR B 198 -11.87 -5.78 3.51
N ASN B 199 -13.03 -6.38 3.25
CA ASN B 199 -13.11 -7.79 2.83
C ASN B 199 -12.53 -7.85 1.41
N ARG B 200 -11.34 -8.41 1.23
CA ARG B 200 -10.71 -8.42 -0.14
C ARG B 200 -11.65 -9.01 -1.22
N ASP B 201 -12.34 -10.10 -0.87
CA ASP B 201 -13.22 -10.82 -1.78
C ASP B 201 -14.49 -10.05 -2.15
N THR B 202 -15.17 -9.44 -1.20
CA THR B 202 -16.44 -8.77 -1.48
C THR B 202 -16.31 -7.26 -1.61
N GLN B 203 -15.10 -6.74 -1.36
CA GLN B 203 -14.86 -5.31 -1.20
C GLN B 203 -15.71 -4.53 -0.13
N GLU B 204 -16.38 -5.22 0.79
CA GLU B 204 -17.10 -4.57 1.87
C GLU B 204 -16.10 -3.94 2.83
N LEU B 205 -16.47 -2.75 3.31
CA LEU B 205 -15.77 -2.04 4.40
C LEU B 205 -16.04 -2.74 5.73
N LEU B 206 -14.98 -3.19 6.41
CA LEU B 206 -15.10 -3.77 7.77
C LEU B 206 -14.78 -2.76 8.91
N LEU B 207 -13.75 -1.93 8.73
CA LEU B 207 -13.36 -0.95 9.77
C LEU B 207 -12.64 0.22 9.07
N CYS B 208 -12.96 1.41 9.48
CA CYS B 208 -12.27 2.62 9.07
C CYS B 208 -11.88 3.41 10.32
N THR B 209 -10.59 3.64 10.48
CA THR B 209 -10.08 4.38 11.61
C THR B 209 -9.25 5.61 11.18
N ALA B 210 -9.66 6.78 11.65
CA ALA B 210 -8.96 8.03 11.51
C ALA B 210 -8.16 8.27 12.78
N TYR B 211 -6.88 8.53 12.62
CA TYR B 211 -6.02 8.82 13.70
C TYR B 211 -5.53 10.28 13.65
N VAL B 212 -5.59 10.91 14.80
CA VAL B 212 -5.09 12.28 15.03
C VAL B 212 -4.10 12.24 16.19
N PHE B 213 -3.20 13.20 16.23
CA PHE B 213 -1.99 13.08 17.06
C PHE B 213 -1.65 14.34 17.88
N GLU B 214 -1.18 14.12 19.10
CA GLU B 214 -0.43 15.13 19.87
C GLU B 214 0.78 14.43 20.44
N VAL B 215 1.76 15.14 20.99
CA VAL B 215 2.86 14.48 21.60
C VAL B 215 2.52 14.35 23.08
N SER B 216 2.94 13.27 23.66
CA SER B 216 2.81 13.15 25.09
C SER B 216 3.97 13.93 25.72
N THR B 217 3.99 14.13 27.02
CA THR B 217 5.10 14.87 27.63
C THR B 217 6.31 14.03 28.03
N SER B 218 6.30 12.78 27.64
CA SER B 218 7.38 11.84 27.94
C SER B 218 8.25 11.91 29.17
N GLU B 219 7.44 11.81 30.19
CA GLU B 219 7.50 11.62 31.62
C GLU B 219 6.27 10.63 31.64
N ARG B 220 5.18 10.96 30.92
CA ARG B 220 4.03 10.16 30.68
C ARG B 220 4.30 9.45 29.37
N GLY B 221 3.89 8.21 29.26
CA GLY B 221 4.06 7.51 28.02
C GLY B 221 2.90 7.73 27.06
N ALA B 222 2.76 6.83 26.13
CA ALA B 222 1.72 6.96 25.16
C ALA B 222 0.34 6.73 25.73
N GLN B 223 -0.63 7.48 25.24
CA GLN B 223 -2.04 7.30 25.63
C GLN B 223 -2.90 7.44 24.38
N HIS B 224 -4.15 7.01 24.49
CA HIS B 224 -5.14 7.16 23.44
C HIS B 224 -6.55 7.32 23.98
N HIS B 225 -7.43 7.82 23.13
CA HIS B 225 -8.82 7.90 23.43
C HIS B 225 -9.51 7.53 22.13
N ILE B 226 -10.45 6.57 22.17
CA ILE B 226 -11.19 6.08 21.04
C ILE B 226 -12.62 6.64 21.04
N TYR B 227 -13.05 7.11 19.89
CA TYR B 227 -14.39 7.66 19.68
C TYR B 227 -15.05 6.92 18.51
N ARG B 228 -16.37 6.76 18.59
CA ARG B 228 -17.21 6.48 17.44
C ARG B 228 -17.38 7.71 16.58
N LEU B 229 -17.21 7.57 15.25
CA LEU B 229 -17.50 8.69 14.35
C LEU B 229 -18.97 8.58 13.91
N VAL B 230 -19.77 9.64 14.20
CA VAL B 230 -21.22 9.75 13.86
C VAL B 230 -21.57 10.85 12.86
N ARG B 231 -22.84 10.93 12.48
CA ARG B 231 -23.34 11.89 11.48
C ARG B 231 -24.90 11.83 11.34
#